data_3BVS
#
_entry.id   3BVS
#
_cell.length_a   77.917
_cell.length_b   77.917
_cell.length_c   55.102
_cell.angle_alpha   90.00
_cell.angle_beta   90.00
_cell.angle_gamma   90.00
#
_symmetry.space_group_name_H-M   'P 43'
#
loop_
_entity.id
_entity.type
_entity.pdbx_description
1 polymer 'Alkylpurine DNA Glycosylase AlkD'
2 water water
#
_entity_poly.entity_id   1
_entity_poly.type   'polypeptide(L)'
_entity_poly.pdbx_seq_one_letter_code
;VPMHPFVKALQEHFTAHQNPEKAEPMARYMKNHFLFLGIQTPERRQLLKDIIQIHTLPDQKDFQIIIRELWDLPEREFQA
AALDIMQKYKKHINETHIPFLEELIVTKSWWDSVDSIVPTFLGDIFLKHPELISAYIPKWIASDNIWLQRAAILFQLKYK
QKMDEELLFWIIGQLHSSKEFFIQKAIGWVLREYAKTNPDVVWEYVQNNELAPLSKREAIKHIKQNYGINNEKIGETLS
;
_entity_poly.pdbx_strand_id   A
#
# COMPACT_ATOMS: atom_id res chain seq x y z
N VAL A 1 -20.69 13.51 -0.54
CA VAL A 1 -20.84 13.97 -1.97
C VAL A 1 -21.34 12.82 -2.95
N PRO A 2 -21.74 11.63 -2.40
CA PRO A 2 -21.75 10.39 -3.20
C PRO A 2 -23.13 9.87 -3.65
N MET A 3 -23.31 9.45 -4.92
CA MET A 3 -24.63 8.86 -5.32
C MET A 3 -24.76 7.35 -5.11
N HIS A 4 -23.66 6.59 -5.06
CA HIS A 4 -23.79 5.12 -5.10
C HIS A 4 -24.48 4.58 -3.87
N PRO A 5 -25.58 3.82 -4.05
CA PRO A 5 -26.37 3.37 -2.90
C PRO A 5 -25.50 2.67 -1.88
N PHE A 6 -24.51 1.92 -2.39
CA PHE A 6 -23.66 1.03 -1.61
C PHE A 6 -22.74 1.84 -0.68
N VAL A 7 -22.23 2.95 -1.22
CA VAL A 7 -21.36 3.84 -0.47
C VAL A 7 -22.21 4.54 0.59
N LYS A 8 -23.45 4.87 0.23
CA LYS A 8 -24.34 5.54 1.15
C LYS A 8 -24.73 4.64 2.32
N ALA A 9 -25.05 3.38 2.03
CA ALA A 9 -25.32 2.42 3.08
C ALA A 9 -24.10 2.29 3.97
N LEU A 10 -22.95 2.09 3.36
CA LEU A 10 -21.69 1.93 4.13
C LEU A 10 -21.39 3.11 5.06
N GLN A 11 -21.58 4.31 4.54
CA GLN A 11 -21.33 5.52 5.30
C GLN A 11 -22.25 5.65 6.49
N GLU A 12 -23.52 5.30 6.29
CA GLU A 12 -24.50 5.34 7.38
C GLU A 12 -24.15 4.35 8.48
N HIS A 13 -23.81 3.12 8.08
CA HIS A 13 -23.53 2.03 9.00
C HIS A 13 -22.24 2.33 9.80
N PHE A 14 -21.18 2.76 9.12
CA PHE A 14 -19.93 3.10 9.80
C PHE A 14 -20.15 4.28 10.79
N THR A 15 -20.87 5.31 10.32
CA THR A 15 -21.09 6.50 11.09
C THR A 15 -21.89 6.16 12.32
N ALA A 16 -22.87 5.25 12.19
CA ALA A 16 -23.62 4.75 13.36
C ALA A 16 -22.73 4.06 14.40
N HIS A 17 -21.61 3.51 13.98
CA HIS A 17 -20.76 2.80 14.92
C HIS A 17 -19.47 3.53 15.28
N GLN A 18 -19.44 4.85 15.11
CA GLN A 18 -18.19 5.56 15.42
C GLN A 18 -17.97 5.50 16.91
N ASN A 19 -16.71 5.62 17.32
CA ASN A 19 -16.28 5.70 18.71
C ASN A 19 -15.27 6.84 18.84
N PRO A 20 -15.71 7.99 19.37
CA PRO A 20 -14.78 9.11 19.46
C PRO A 20 -13.56 8.79 20.32
N GLU A 21 -13.71 7.93 21.30
CA GLU A 21 -12.58 7.49 22.14
C GLU A 21 -11.55 6.66 21.38
N LYS A 22 -12.00 5.64 20.66
CA LYS A 22 -11.07 4.84 19.82
C LYS A 22 -10.44 5.65 18.68
N ALA A 23 -11.17 6.64 18.16
CA ALA A 23 -10.69 7.53 17.07
C ALA A 23 -9.38 8.32 17.41
N GLU A 24 -9.37 9.00 18.57
CA GLU A 24 -8.24 9.88 18.96
C GLU A 24 -6.84 9.26 18.78
N PRO A 25 -6.54 8.11 19.43
CA PRO A 25 -5.26 7.42 19.18
C PRO A 25 -5.08 6.84 17.77
N MET A 26 -6.17 6.58 17.05
CA MET A 26 -5.99 6.16 15.67
C MET A 26 -5.46 7.33 14.82
N ALA A 27 -6.08 8.49 15.01
CA ALA A 27 -5.75 9.68 14.27
C ALA A 27 -4.34 10.16 14.62
N ARG A 28 -3.94 10.03 15.90
CA ARG A 28 -2.60 10.40 16.34
C ARG A 28 -1.53 9.58 15.59
N TYR A 29 -1.72 8.25 15.57
CA TYR A 29 -0.81 7.30 14.89
C TYR A 29 -0.62 7.57 13.37
N MET A 30 -1.55 8.31 12.77
CA MET A 30 -1.47 8.72 11.37
C MET A 30 -1.06 10.22 11.30
N LYS A 31 -0.40 10.69 12.38
CA LYS A 31 0.07 12.09 12.52
C LYS A 31 -1.02 13.14 12.32
N ASN A 32 -2.28 12.82 12.66
CA ASN A 32 -3.44 13.67 12.37
C ASN A 32 -3.69 14.16 10.94
N HIS A 33 -3.27 13.41 9.92
CA HIS A 33 -3.58 13.84 8.55
C HIS A 33 -5.01 13.55 8.25
N PHE A 34 -5.60 12.62 9.00
CA PHE A 34 -6.99 12.19 8.75
C PHE A 34 -7.88 12.17 10.02
N LEU A 35 -9.14 12.51 9.81
CA LEU A 35 -10.22 12.24 10.75
C LEU A 35 -10.45 10.74 10.75
N PHE A 36 -10.82 10.18 11.89
CA PHE A 36 -11.20 8.77 11.99
C PHE A 36 -12.54 8.68 12.62
N LEU A 37 -13.35 7.72 12.25
CA LEU A 37 -14.56 7.40 13.04
C LEU A 37 -14.24 6.61 14.35
N GLY A 38 -13.09 5.92 14.39
CA GLY A 38 -12.72 5.08 15.53
C GLY A 38 -13.25 3.65 15.47
N ILE A 39 -13.01 2.99 14.32
CA ILE A 39 -13.46 1.61 14.07
C ILE A 39 -12.28 0.84 13.65
N GLN A 40 -11.88 -0.13 14.49
CA GLN A 40 -10.65 -0.90 14.25
C GLN A 40 -10.88 -1.95 13.13
N THR A 41 -9.82 -2.45 12.49
CA THR A 41 -9.95 -3.34 11.30
C THR A 41 -11.01 -4.47 11.44
N PRO A 42 -10.92 -5.30 12.49
CA PRO A 42 -11.93 -6.36 12.59
C PRO A 42 -13.38 -5.87 12.50
N GLU A 43 -13.78 -4.93 13.37
CA GLU A 43 -15.13 -4.33 13.30
C GLU A 43 -15.40 -3.73 11.93
N ARG A 44 -14.40 -3.06 11.35
CA ARG A 44 -14.55 -2.40 10.07
C ARG A 44 -14.89 -3.44 8.99
N ARG A 45 -14.18 -4.56 8.99
CA ARG A 45 -14.43 -5.64 8.04
C ARG A 45 -15.77 -6.26 8.28
N GLN A 46 -16.10 -6.49 9.55
CA GLN A 46 -17.43 -6.96 9.91
C GLN A 46 -18.52 -5.99 9.41
N LEU A 47 -18.37 -4.68 9.65
CA LEU A 47 -19.41 -3.71 9.21
C LEU A 47 -19.54 -3.69 7.67
N LEU A 48 -18.43 -3.86 6.98
CA LEU A 48 -18.43 -3.99 5.52
C LEU A 48 -19.16 -5.27 5.11
N LYS A 49 -18.75 -6.42 5.69
CA LYS A 49 -19.52 -7.68 5.58
C LYS A 49 -21.02 -7.47 5.72
N ASP A 50 -21.47 -6.92 6.84
CA ASP A 50 -22.90 -6.63 6.97
C ASP A 50 -23.43 -5.98 5.69
N ILE A 51 -22.82 -4.89 5.23
CA ILE A 51 -23.44 -4.11 4.13
C ILE A 51 -23.42 -4.88 2.84
N ILE A 52 -22.37 -5.66 2.65
CA ILE A 52 -22.23 -6.49 1.46
C ILE A 52 -23.30 -7.54 1.42
N GLN A 53 -23.55 -8.20 2.55
CA GLN A 53 -24.47 -9.33 2.57
C GLN A 53 -25.90 -8.85 2.52
N ILE A 54 -26.19 -7.80 3.26
CA ILE A 54 -27.43 -7.07 3.13
C ILE A 54 -27.68 -6.62 1.68
N HIS A 55 -26.78 -5.80 1.13
CA HIS A 55 -26.91 -5.27 -0.24
C HIS A 55 -26.44 -6.19 -1.40
N THR A 56 -25.75 -7.29 -1.10
CA THR A 56 -24.96 -8.08 -2.09
C THR A 56 -23.86 -7.23 -2.71
N LEU A 57 -22.78 -7.87 -3.16
CA LEU A 57 -21.69 -7.13 -3.71
C LEU A 57 -22.08 -6.57 -5.07
N PRO A 58 -21.91 -5.25 -5.27
CA PRO A 58 -22.14 -4.60 -6.57
C PRO A 58 -21.45 -5.25 -7.81
N ASP A 59 -22.09 -5.16 -8.98
CA ASP A 59 -21.46 -5.48 -10.25
C ASP A 59 -20.01 -5.01 -10.37
N GLN A 60 -19.12 -5.90 -10.82
CA GLN A 60 -17.70 -5.50 -10.93
C GLN A 60 -17.47 -4.23 -11.76
N LYS A 61 -18.40 -3.94 -12.68
CA LYS A 61 -18.33 -2.69 -13.47
C LYS A 61 -18.54 -1.42 -12.61
N ASP A 62 -19.00 -1.56 -11.37
CA ASP A 62 -19.11 -0.39 -10.48
C ASP A 62 -17.84 -0.16 -9.62
N PHE A 63 -16.88 -1.09 -9.69
CA PHE A 63 -15.89 -1.17 -8.62
C PHE A 63 -15.14 0.13 -8.48
N GLN A 64 -14.78 0.73 -9.59
CA GLN A 64 -14.12 2.03 -9.57
C GLN A 64 -14.87 3.20 -8.95
N ILE A 65 -16.15 3.35 -9.28
CA ILE A 65 -16.98 4.42 -8.74
C ILE A 65 -17.12 4.26 -7.22
N ILE A 66 -17.25 3.02 -6.76
CA ILE A 66 -17.41 2.75 -5.32
C ILE A 66 -16.17 3.21 -4.56
N ILE A 67 -15.01 2.84 -5.10
CA ILE A 67 -13.74 3.12 -4.47
C ILE A 67 -13.48 4.60 -4.48
N ARG A 68 -13.80 5.22 -5.60
CA ARG A 68 -13.59 6.66 -5.72
C ARG A 68 -14.50 7.45 -4.75
N GLU A 69 -15.77 7.11 -4.69
CA GLU A 69 -16.62 7.77 -3.75
C GLU A 69 -16.12 7.61 -2.30
N LEU A 70 -15.75 6.39 -1.89
CA LEU A 70 -15.18 6.12 -0.54
C LEU A 70 -13.91 6.94 -0.30
N TRP A 71 -13.12 7.05 -1.34
CA TRP A 71 -11.86 7.74 -1.22
C TRP A 71 -12.10 9.23 -0.95
N ASP A 72 -13.24 9.73 -1.39
CA ASP A 72 -13.56 11.14 -1.15
C ASP A 72 -14.20 11.47 0.20
N LEU A 73 -14.50 10.48 1.04
CA LEU A 73 -15.07 10.69 2.36
C LEU A 73 -14.00 11.06 3.35
N PRO A 74 -14.32 11.97 4.28
CA PRO A 74 -13.28 12.53 5.12
C PRO A 74 -12.59 11.49 6.05
N GLU A 75 -13.34 10.48 6.51
CA GLU A 75 -12.86 9.60 7.58
C GLU A 75 -12.01 8.46 7.04
N ARG A 76 -10.88 8.24 7.70
CA ARG A 76 -9.88 7.34 7.13
C ARG A 76 -10.41 5.91 6.93
N GLU A 77 -11.32 5.44 7.80
CA GLU A 77 -11.97 4.07 7.63
C GLU A 77 -12.54 3.84 6.24
N PHE A 78 -12.88 4.92 5.53
CA PHE A 78 -13.57 4.72 4.23
C PHE A 78 -12.56 4.32 3.18
N GLN A 79 -11.33 4.82 3.31
CA GLN A 79 -10.31 4.45 2.34
C GLN A 79 -9.83 3.02 2.69
N ALA A 80 -9.73 2.70 3.98
CA ALA A 80 -9.33 1.32 4.39
C ALA A 80 -10.36 0.31 3.86
N ALA A 81 -11.64 0.63 4.02
CA ALA A 81 -12.74 -0.20 3.49
C ALA A 81 -12.79 -0.25 1.97
N ALA A 82 -12.40 0.83 1.31
CA ALA A 82 -12.34 0.84 -0.16
C ALA A 82 -11.31 -0.16 -0.67
N LEU A 83 -10.17 -0.29 0.01
CA LEU A 83 -9.18 -1.31 -0.39
C LEU A 83 -9.61 -2.75 -0.03
N ASP A 84 -10.40 -2.93 1.04
CA ASP A 84 -10.98 -4.24 1.37
C ASP A 84 -11.94 -4.66 0.28
N ILE A 85 -12.73 -3.68 -0.19
CA ILE A 85 -13.63 -3.87 -1.32
C ILE A 85 -12.84 -4.19 -2.59
N MET A 86 -11.81 -3.41 -2.88
CA MET A 86 -10.99 -3.67 -4.07
C MET A 86 -10.55 -5.14 -4.13
N GLN A 87 -10.16 -5.68 -2.98
CA GLN A 87 -9.75 -7.07 -2.85
C GLN A 87 -10.84 -8.01 -3.27
N LYS A 88 -12.09 -7.61 -3.08
CA LYS A 88 -13.21 -8.47 -3.49
C LYS A 88 -13.36 -8.50 -5.00
N TYR A 89 -12.73 -7.56 -5.72
CA TYR A 89 -12.73 -7.58 -7.20
C TYR A 89 -11.41 -8.00 -7.83
N LYS A 90 -10.55 -8.59 -7.01
CA LYS A 90 -9.18 -8.94 -7.43
C LYS A 90 -9.13 -9.49 -8.86
N LYS A 91 -9.93 -10.52 -9.15
CA LYS A 91 -9.86 -11.18 -10.43
C LYS A 91 -10.19 -10.24 -11.59
N HIS A 92 -10.78 -9.10 -11.32
CA HIS A 92 -11.11 -8.20 -12.43
C HIS A 92 -10.12 -7.05 -12.55
N ILE A 93 -9.12 -7.02 -11.66
CA ILE A 93 -8.08 -6.02 -11.74
C ILE A 93 -6.97 -6.59 -12.59
N ASN A 94 -6.52 -5.80 -13.57
CA ASN A 94 -5.53 -6.19 -14.58
C ASN A 94 -4.67 -4.98 -14.95
N GLU A 95 -3.80 -5.13 -15.93
CA GLU A 95 -2.88 -4.05 -16.33
C GLU A 95 -3.58 -2.72 -16.68
N THR A 96 -4.83 -2.77 -17.13
CA THR A 96 -5.53 -1.55 -17.51
C THR A 96 -5.86 -0.66 -16.31
N HIS A 97 -5.71 -1.17 -15.08
CA HIS A 97 -6.08 -0.40 -13.91
C HIS A 97 -4.85 0.25 -13.26
N ILE A 98 -3.66 0.09 -13.84
CA ILE A 98 -2.50 0.71 -13.22
C ILE A 98 -2.67 2.23 -13.05
N PRO A 99 -3.15 2.94 -14.11
CA PRO A 99 -3.40 4.37 -13.90
C PRO A 99 -4.41 4.70 -12.75
N PHE A 100 -5.43 3.86 -12.55
CA PHE A 100 -6.39 4.03 -11.46
C PHE A 100 -5.64 3.89 -10.08
N LEU A 101 -4.82 2.86 -9.97
CA LEU A 101 -4.02 2.62 -8.75
C LEU A 101 -3.02 3.74 -8.45
N GLU A 102 -2.37 4.29 -9.51
CA GLU A 102 -1.47 5.44 -9.35
C GLU A 102 -2.22 6.60 -8.72
N GLU A 103 -3.42 6.88 -9.24
CA GLU A 103 -4.30 7.91 -8.69
C GLU A 103 -4.58 7.73 -7.21
N LEU A 104 -4.92 6.50 -6.81
CA LEU A 104 -5.18 6.20 -5.40
C LEU A 104 -3.92 6.41 -4.58
N ILE A 105 -2.78 6.11 -5.18
CA ILE A 105 -1.50 6.18 -4.48
C ILE A 105 -1.10 7.63 -4.10
N VAL A 106 -1.46 8.55 -4.97
CA VAL A 106 -1.09 9.96 -4.82
C VAL A 106 -2.22 10.83 -4.25
N THR A 107 -3.36 10.23 -3.97
CA THR A 107 -4.51 10.91 -3.40
C THR A 107 -4.71 10.42 -1.97
N LYS A 108 -4.84 11.38 -1.04
CA LYS A 108 -4.96 11.08 0.39
C LYS A 108 -3.88 10.11 0.86
N SER A 109 -2.65 10.41 0.45
CA SER A 109 -1.53 9.47 0.59
C SER A 109 -1.08 9.28 2.02
N TRP A 110 -0.80 8.02 2.35
CA TRP A 110 -0.07 7.71 3.57
C TRP A 110 0.25 6.22 3.44
N TRP A 111 1.08 5.71 4.33
CA TRP A 111 1.63 4.40 4.17
C TRP A 111 0.54 3.36 4.31
N ASP A 112 -0.54 3.69 5.03
CA ASP A 112 -1.60 2.73 5.32
C ASP A 112 -2.40 2.45 4.07
N SER A 113 -2.59 3.43 3.19
CA SER A 113 -3.27 3.16 1.95
C SER A 113 -2.27 2.59 0.93
N VAL A 114 -1.10 3.23 0.85
CA VAL A 114 -0.14 2.92 -0.19
C VAL A 114 0.34 1.47 0.01
N ASP A 115 0.58 1.07 1.27
CA ASP A 115 1.10 -0.27 1.55
C ASP A 115 0.06 -1.37 1.26
N SER A 116 -1.21 -1.01 1.21
CA SER A 116 -2.24 -1.98 0.83
C SER A 116 -2.56 -1.99 -0.66
N ILE A 117 -1.97 -1.08 -1.43
CA ILE A 117 -2.17 -1.03 -2.88
C ILE A 117 -1.00 -1.68 -3.61
N VAL A 118 0.21 -1.42 -3.10
CA VAL A 118 1.43 -1.64 -3.83
C VAL A 118 1.86 -3.10 -3.91
N PRO A 119 2.22 -3.74 -2.76
CA PRO A 119 2.84 -5.06 -2.80
C PRO A 119 1.88 -6.14 -3.19
N THR A 120 0.59 -5.88 -3.06
CA THR A 120 -0.47 -6.83 -3.36
C THR A 120 -0.97 -6.61 -4.77
N PHE A 121 -1.70 -5.51 -5.00
CA PHE A 121 -2.34 -5.28 -6.33
C PHE A 121 -1.32 -5.02 -7.43
N LEU A 122 -0.38 -4.09 -7.18
CA LEU A 122 0.61 -3.76 -8.23
C LEU A 122 1.64 -4.86 -8.40
N GLY A 123 2.11 -5.42 -7.28
CA GLY A 123 2.90 -6.68 -7.24
C GLY A 123 2.37 -7.77 -8.18
N ASP A 124 1.09 -8.08 -8.06
CA ASP A 124 0.49 -9.12 -8.93
C ASP A 124 0.34 -8.68 -10.38
N ILE A 125 0.04 -7.40 -10.62
CA ILE A 125 -0.08 -6.88 -12.00
C ILE A 125 1.26 -7.00 -12.75
N PHE A 126 2.35 -6.59 -12.09
CA PHE A 126 3.66 -6.56 -12.73
C PHE A 126 4.27 -7.96 -12.83
N LEU A 127 3.90 -8.85 -11.92
CA LEU A 127 4.25 -10.27 -12.09
C LEU A 127 3.62 -10.84 -13.38
N LYS A 128 2.35 -10.51 -13.64
CA LYS A 128 1.64 -10.97 -14.83
C LYS A 128 2.09 -10.23 -16.10
N HIS A 129 2.39 -8.92 -15.97
CA HIS A 129 2.85 -8.04 -17.07
C HIS A 129 4.15 -7.32 -16.74
N PRO A 130 5.24 -8.09 -16.63
CA PRO A 130 6.49 -7.46 -16.15
C PRO A 130 7.11 -6.57 -17.26
N GLU A 131 6.55 -6.65 -18.48
CA GLU A 131 7.00 -5.77 -19.55
C GLU A 131 6.54 -4.32 -19.37
N LEU A 132 5.54 -4.10 -18.52
CA LEU A 132 5.08 -2.73 -18.28
C LEU A 132 5.89 -1.99 -17.18
N ILE A 133 6.85 -2.68 -16.59
CA ILE A 133 7.64 -2.07 -15.54
C ILE A 133 8.34 -0.76 -16.03
N SER A 134 9.00 -0.84 -17.19
CA SER A 134 9.70 0.32 -17.76
C SER A 134 8.78 1.55 -17.92
N ALA A 135 7.50 1.34 -18.16
CA ALA A 135 6.55 2.45 -18.35
C ALA A 135 6.10 3.15 -17.06
N TYR A 136 6.55 2.62 -15.90
CA TYR A 136 6.07 3.07 -14.61
C TYR A 136 7.16 3.37 -13.64
N ILE A 137 8.01 2.39 -13.41
CA ILE A 137 8.97 2.42 -12.30
C ILE A 137 9.99 3.52 -12.47
N PRO A 138 10.47 3.74 -13.72
CA PRO A 138 11.41 4.83 -13.88
C PRO A 138 10.71 6.17 -13.70
N LYS A 139 9.46 6.24 -14.18
CA LYS A 139 8.61 7.44 -14.10
C LYS A 139 8.24 7.78 -12.66
N TRP A 140 8.01 6.76 -11.84
CA TRP A 140 7.64 6.95 -10.45
C TRP A 140 8.82 7.41 -9.66
N ILE A 141 9.97 6.75 -9.89
CA ILE A 141 11.19 7.15 -9.22
C ILE A 141 11.54 8.63 -9.59
N ALA A 142 11.37 8.99 -10.86
CA ALA A 142 11.69 10.34 -11.30
C ALA A 142 10.68 11.41 -10.86
N SER A 143 9.59 11.01 -10.21
CA SER A 143 8.44 11.89 -9.94
C SER A 143 8.61 12.91 -8.82
N ASP A 144 9.45 12.59 -7.84
CA ASP A 144 9.49 13.38 -6.63
C ASP A 144 8.20 13.29 -5.83
N ASN A 145 7.35 12.32 -6.12
CA ASN A 145 6.28 11.98 -5.20
C ASN A 145 6.78 10.79 -4.42
N ILE A 146 6.93 10.96 -3.10
CA ILE A 146 7.58 9.94 -2.31
C ILE A 146 6.77 8.64 -2.25
N TRP A 147 5.47 8.74 -2.57
CA TRP A 147 4.55 7.57 -2.46
C TRP A 147 4.69 6.75 -3.72
N LEU A 148 4.83 7.43 -4.86
CA LEU A 148 5.18 6.72 -6.10
C LEU A 148 6.57 6.08 -6.02
N GLN A 149 7.54 6.80 -5.41
CA GLN A 149 8.89 6.26 -5.17
C GLN A 149 8.83 5.01 -4.24
N ARG A 150 8.04 5.12 -3.17
CA ARG A 150 7.80 4.01 -2.28
C ARG A 150 7.14 2.84 -3.00
N ALA A 151 6.27 3.17 -3.98
CA ALA A 151 5.66 2.17 -4.80
C ALA A 151 6.70 1.39 -5.61
N ALA A 152 7.62 2.09 -6.29
CA ALA A 152 8.73 1.42 -7.01
C ALA A 152 9.52 0.44 -6.12
N ILE A 153 9.77 0.83 -4.87
CA ILE A 153 10.59 0.02 -3.93
C ILE A 153 9.83 -1.21 -3.44
N LEU A 154 8.50 -1.05 -3.21
CA LEU A 154 7.72 -2.13 -2.58
C LEU A 154 6.91 -3.03 -3.46
N PHE A 155 6.82 -2.74 -4.76
CA PHE A 155 5.95 -3.59 -5.59
C PHE A 155 6.42 -5.04 -5.59
N GLN A 156 7.75 -5.24 -5.47
CA GLN A 156 8.31 -6.59 -5.41
C GLN A 156 8.34 -7.18 -4.01
N LEU A 157 7.77 -6.51 -3.03
CA LEU A 157 7.96 -6.91 -1.59
C LEU A 157 7.72 -8.38 -1.31
N LYS A 158 6.71 -8.98 -1.94
CA LYS A 158 6.34 -10.35 -1.60
C LYS A 158 6.80 -11.34 -2.67
N TYR A 159 7.79 -10.97 -3.45
CA TYR A 159 8.14 -11.78 -4.59
C TYR A 159 8.89 -13.06 -4.24
N LYS A 160 9.65 -13.07 -3.13
CA LYS A 160 10.38 -14.28 -2.75
C LYS A 160 11.30 -14.73 -3.93
N GLN A 161 11.20 -15.99 -4.36
CA GLN A 161 12.16 -16.50 -5.37
C GLN A 161 11.97 -15.81 -6.73
N LYS A 162 10.92 -14.98 -6.84
CA LYS A 162 10.61 -14.27 -8.10
C LYS A 162 11.24 -12.89 -8.13
N MET A 163 11.86 -12.48 -7.03
CA MET A 163 12.46 -11.14 -6.87
C MET A 163 13.51 -10.95 -7.96
N ASP A 164 13.45 -9.81 -8.65
CA ASP A 164 14.46 -9.42 -9.63
C ASP A 164 15.46 -8.59 -8.86
N GLU A 165 16.48 -9.27 -8.37
CA GLU A 165 17.56 -8.70 -7.55
C GLU A 165 18.16 -7.48 -8.26
N GLU A 166 18.36 -7.63 -9.57
CA GLU A 166 19.00 -6.60 -10.37
C GLU A 166 18.21 -5.29 -10.38
N LEU A 167 16.95 -5.37 -10.75
CA LEU A 167 16.00 -4.24 -10.67
C LEU A 167 15.81 -3.65 -9.25
N LEU A 168 15.65 -4.54 -8.27
CA LEU A 168 15.59 -4.15 -6.87
C LEU A 168 16.75 -3.26 -6.46
N PHE A 169 17.99 -3.74 -6.68
CA PHE A 169 19.16 -2.97 -6.23
C PHE A 169 19.34 -1.72 -7.07
N TRP A 170 18.93 -1.78 -8.32
CA TRP A 170 18.97 -0.62 -9.20
C TRP A 170 18.01 0.46 -8.65
N ILE A 171 16.83 0.03 -8.24
CA ILE A 171 15.86 0.92 -7.59
C ILE A 171 16.39 1.54 -6.29
N ILE A 172 16.92 0.67 -5.43
CA ILE A 172 17.43 1.09 -4.14
C ILE A 172 18.66 2.01 -4.31
N GLY A 173 19.39 1.82 -5.41
CA GLY A 173 20.59 2.59 -5.75
C GLY A 173 20.21 4.01 -6.13
N GLN A 174 19.08 4.16 -6.80
CA GLN A 174 18.58 5.47 -7.14
C GLN A 174 17.94 6.21 -5.95
N LEU A 175 17.60 5.47 -4.89
CA LEU A 175 16.82 6.07 -3.81
C LEU A 175 17.48 6.08 -2.41
N HIS A 176 18.67 5.49 -2.30
CA HIS A 176 19.32 5.33 -0.99
C HIS A 176 19.60 6.68 -0.31
N SER A 177 19.94 7.71 -1.10
CA SER A 177 20.34 9.02 -0.58
C SER A 177 19.20 9.93 -0.16
N SER A 178 17.99 9.44 -0.25
CA SER A 178 16.81 10.20 0.12
C SER A 178 16.71 10.50 1.62
N LYS A 179 16.44 11.76 1.95
CA LYS A 179 16.17 12.19 3.33
C LYS A 179 14.90 11.61 3.93
N GLU A 180 14.06 11.07 3.06
CA GLU A 180 12.67 10.81 3.38
C GLU A 180 12.54 9.57 4.19
N PHE A 181 12.06 9.75 5.39
CA PHE A 181 11.72 8.65 6.25
C PHE A 181 10.99 7.45 5.56
N PHE A 182 10.01 7.75 4.74
CA PHE A 182 9.20 6.68 4.15
C PHE A 182 9.93 5.94 3.02
N ILE A 183 10.99 6.56 2.53
CA ILE A 183 11.83 5.94 1.54
C ILE A 183 12.88 5.08 2.24
N GLN A 184 13.61 5.67 3.21
CA GLN A 184 14.57 4.93 4.02
C GLN A 184 13.92 3.67 4.65
N LYS A 185 12.72 3.80 5.21
CA LYS A 185 12.04 2.63 5.88
C LYS A 185 11.62 1.58 4.87
N ALA A 186 11.11 2.05 3.73
CA ALA A 186 10.67 1.12 2.70
C ALA A 186 11.87 0.32 2.20
N ILE A 187 12.99 0.99 1.92
CA ILE A 187 14.26 0.33 1.52
C ILE A 187 14.67 -0.74 2.54
N GLY A 188 14.62 -0.41 3.84
CA GLY A 188 14.97 -1.35 4.89
C GLY A 188 13.98 -2.52 4.92
N TRP A 189 12.70 -2.20 4.73
CA TRP A 189 11.69 -3.20 4.75
C TRP A 189 11.91 -4.25 3.65
N VAL A 190 12.04 -3.80 2.40
CA VAL A 190 12.12 -4.77 1.28
C VAL A 190 13.42 -5.59 1.41
N LEU A 191 14.45 -4.96 1.94
CA LEU A 191 15.71 -5.70 2.16
C LEU A 191 15.54 -6.80 3.21
N ARG A 192 14.92 -6.50 4.36
CA ARG A 192 14.63 -7.50 5.42
C ARG A 192 13.66 -8.60 4.93
N GLU A 193 12.56 -8.21 4.29
CA GLU A 193 11.69 -9.18 3.66
C GLU A 193 12.52 -10.06 2.65
N TYR A 194 13.24 -9.43 1.72
CA TYR A 194 14.00 -10.23 0.73
C TYR A 194 15.02 -11.15 1.38
N ALA A 195 15.56 -10.70 2.50
CA ALA A 195 16.53 -11.50 3.25
C ALA A 195 15.92 -12.79 3.83
N LYS A 196 14.59 -12.92 3.84
CA LYS A 196 13.96 -14.15 4.31
C LYS A 196 14.19 -15.24 3.27
N THR A 197 14.42 -14.85 2.02
CA THR A 197 14.57 -15.80 0.91
C THR A 197 16.02 -15.92 0.56
N ASN A 198 16.71 -14.77 0.51
CA ASN A 198 18.09 -14.70 0.09
C ASN A 198 18.97 -13.83 0.98
N PRO A 199 19.17 -14.26 2.26
CA PRO A 199 19.85 -13.49 3.27
C PRO A 199 21.25 -13.06 2.86
N ASP A 200 22.09 -14.02 2.40
CA ASP A 200 23.51 -13.76 2.04
C ASP A 200 23.66 -12.63 1.03
N VAL A 201 22.74 -12.55 0.08
CA VAL A 201 22.79 -11.52 -0.94
C VAL A 201 22.45 -10.17 -0.36
N VAL A 202 21.41 -10.11 0.47
CA VAL A 202 21.11 -8.89 1.24
C VAL A 202 22.31 -8.44 2.15
N TRP A 203 22.92 -9.41 2.86
CA TRP A 203 24.02 -9.10 3.73
C TRP A 203 25.15 -8.47 2.92
N GLU A 204 25.46 -9.02 1.75
CA GLU A 204 26.59 -8.52 0.95
C GLU A 204 26.27 -7.13 0.40
N TYR A 205 25.01 -6.89 0.01
CA TYR A 205 24.65 -5.59 -0.58
C TYR A 205 24.77 -4.51 0.49
N VAL A 206 24.21 -4.81 1.64
CA VAL A 206 24.16 -3.90 2.76
C VAL A 206 25.57 -3.61 3.25
N GLN A 207 26.44 -4.61 3.22
CA GLN A 207 27.82 -4.42 3.68
C GLN A 207 28.70 -3.68 2.67
N ASN A 208 28.29 -3.58 1.41
CA ASN A 208 29.18 -3.04 0.38
C ASN A 208 28.59 -1.89 -0.42
N ASN A 209 27.46 -1.37 0.02
CA ASN A 209 26.75 -0.32 -0.69
C ASN A 209 26.23 0.69 0.29
N GLU A 210 26.30 1.95 -0.09
CA GLU A 210 25.76 3.05 0.69
C GLU A 210 24.28 2.87 1.02
N LEU A 211 23.94 2.99 2.29
CA LEU A 211 22.53 3.12 2.72
C LEU A 211 22.52 4.11 3.87
N ALA A 212 21.35 4.70 4.10
CA ALA A 212 21.11 5.51 5.28
C ALA A 212 21.16 4.50 6.44
N PRO A 213 21.68 4.95 7.60
CA PRO A 213 21.73 4.05 8.76
C PRO A 213 20.38 3.39 9.10
N LEU A 214 19.29 4.15 9.05
CA LEU A 214 17.96 3.59 9.25
C LEU A 214 17.70 2.41 8.29
N SER A 215 18.05 2.56 7.01
CA SER A 215 17.76 1.52 6.04
C SER A 215 18.59 0.27 6.34
N LYS A 216 19.88 0.48 6.59
CA LYS A 216 20.82 -0.62 6.89
C LYS A 216 20.33 -1.37 8.13
N ARG A 217 20.05 -0.62 9.19
CA ARG A 217 19.63 -1.19 10.44
C ARG A 217 18.37 -2.01 10.26
N GLU A 218 17.39 -1.51 9.52
CA GLU A 218 16.15 -2.22 9.36
C GLU A 218 16.31 -3.52 8.55
N ALA A 219 17.31 -3.53 7.69
CA ALA A 219 17.52 -4.59 6.70
C ALA A 219 18.03 -5.84 7.36
N ILE A 220 18.98 -5.67 8.26
CA ILE A 220 19.71 -6.80 8.81
C ILE A 220 19.21 -7.28 10.19
N LYS A 221 18.20 -6.62 10.71
CA LYS A 221 17.84 -6.85 12.10
C LYS A 221 17.54 -8.33 12.44
N HIS A 222 17.02 -9.09 11.48
CA HIS A 222 16.73 -10.52 11.72
C HIS A 222 17.78 -11.52 11.20
N ILE A 223 18.89 -11.02 10.67
CA ILE A 223 19.92 -11.88 10.07
C ILE A 223 21.29 -11.51 10.61
N LYS A 224 21.39 -10.37 11.29
CA LYS A 224 22.73 -9.98 11.84
C LYS A 224 23.33 -11.05 12.79
N GLN A 225 22.43 -11.82 13.41
CA GLN A 225 22.74 -12.87 14.37
C GLN A 225 23.43 -14.05 13.70
N ASN A 226 23.59 -14.00 12.39
CA ASN A 226 24.12 -15.12 11.61
C ASN A 226 25.51 -14.89 11.03
N TYR A 227 26.03 -13.67 11.16
CA TYR A 227 27.32 -13.34 10.55
C TYR A 227 28.29 -12.75 11.58
#